data_8SIV
#
_entry.id   8SIV
#
_cell.length_a   44.827
_cell.length_b   65.330
_cell.length_c   54.139
_cell.angle_alpha   90.00
_cell.angle_beta   101.86
_cell.angle_gamma   90.00
#
_symmetry.space_group_name_H-M   'P 1 21 1'
#
loop_
_entity.id
_entity.type
_entity.pdbx_description
1 polymer 'Serine/threonine-protein kinase Chk1'
2 non-polymer N-(7-chloro-6-{1-[(3R,4R)-4-hydroxy-3-methyloxolan-3-yl]piperidin-4-yl}isoquinolin-3-yl)cyclopropanecarboxamide
3 water water
#
_entity_poly.entity_id   1
_entity_poly.type   'polypeptide(L)'
_entity_poly.pdbx_seq_one_letter_code
;MAVPFVEDWDLVQTLGEGAYGEVQLAVNRVTEEAVAVKIVDMKRAVDCPENIKKEICILKMLNHENVIKFYGHRREGNIQ
YLFMELASGGSLFDRIEPDIGMPEPDAQRFFHQLMAGVVYLHGIGITHRDIKPHNLLLDERDNLKIADYSLATVFRYNNR
ERLLNKMCGTLPYVAPELLKRREFHAEPVDVWSCGIVLTAMLAGELPWDQPSDSCQEYSDWKEKKTYLNPWKKIDSAPLA
LLHKILVENPSARITIPDIKKDRWYNKPLKKGAKRPRVTSGGVSESPSGHHHHHHHH
;
_entity_poly.pdbx_strand_id   A
#
loop_
_chem_comp.id
_chem_comp.type
_chem_comp.name
_chem_comp.formula
ZXH non-polymer N-(7-chloro-6-{1-[(3R,4R)-4-hydroxy-3-methyloxolan-3-yl]piperidin-4-yl}isoquinolin-3-yl)cyclopropanecarboxamide 'C23 H28 Cl N3 O3'
#
# COMPACT_ATOMS: atom_id res chain seq x y z
N PRO A 4 25.58 -6.84 14.46
CA PRO A 4 26.01 -6.48 13.11
C PRO A 4 26.08 -4.97 12.89
N PHE A 5 26.83 -4.57 11.86
CA PHE A 5 27.00 -3.17 11.55
C PHE A 5 27.19 -2.95 10.05
N VAL A 6 26.92 -1.72 9.59
CA VAL A 6 27.15 -1.31 8.21
C VAL A 6 27.86 0.03 8.27
N GLU A 7 29.16 0.05 7.92
CA GLU A 7 29.97 1.28 7.94
C GLU A 7 29.89 1.99 9.31
N ASP A 8 29.13 3.09 9.45
CA ASP A 8 29.03 3.78 10.74
C ASP A 8 27.67 3.61 11.43
N TRP A 9 26.94 2.53 11.11
CA TRP A 9 25.63 2.28 11.69
C TRP A 9 25.57 0.91 12.34
N ASP A 10 24.83 0.76 13.43
CA ASP A 10 24.63 -0.52 14.07
C ASP A 10 23.23 -1.03 13.73
N LEU A 11 23.10 -2.33 13.42
CA LEU A 11 21.81 -2.95 13.09
C LEU A 11 21.32 -3.56 14.40
N VAL A 12 20.53 -2.78 15.10
CA VAL A 12 20.05 -2.97 16.46
C VAL A 12 18.77 -3.83 16.63
N GLN A 13 17.87 -3.91 15.62
CA GLN A 13 16.61 -4.65 15.79
C GLN A 13 15.99 -5.05 14.46
N THR A 14 15.27 -6.19 14.41
CA THR A 14 14.59 -6.61 13.18
C THR A 14 13.20 -5.97 13.08
N LEU A 15 13.03 -5.00 12.18
CA LEU A 15 11.76 -4.31 12.00
C LEU A 15 10.70 -5.11 11.26
N GLY A 16 11.13 -6.05 10.42
CA GLY A 16 10.25 -6.89 9.63
C GLY A 16 11.02 -7.67 8.59
N GLU A 17 10.32 -8.44 7.74
CA GLU A 17 10.98 -9.24 6.72
C GLU A 17 10.09 -9.57 5.53
N GLY A 18 10.71 -9.78 4.38
CA GLY A 18 10.01 -10.17 3.17
C GLY A 18 10.74 -11.25 2.39
N ALA A 19 10.22 -11.56 1.20
CA ALA A 19 10.77 -12.55 0.27
C ALA A 19 12.20 -12.24 -0.15
N TYR A 20 12.54 -10.95 -0.26
CA TYR A 20 13.87 -10.55 -0.68
C TYR A 20 14.58 -9.77 0.41
N GLY A 21 15.04 -10.48 1.43
CA GLY A 21 15.76 -9.86 2.54
C GLY A 21 15.02 -9.72 3.86
N GLU A 22 15.42 -8.70 4.65
CA GLU A 22 14.91 -8.34 5.97
C GLU A 22 15.13 -6.81 6.22
N VAL A 23 14.25 -6.17 7.01
CA VAL A 23 14.43 -4.74 7.33
C VAL A 23 14.92 -4.61 8.78
N GLN A 24 15.98 -3.83 8.98
CA GLN A 24 16.56 -3.60 10.29
C GLN A 24 16.55 -2.14 10.74
N LEU A 25 16.56 -1.93 12.05
CA LEU A 25 16.67 -0.60 12.61
C LEU A 25 18.18 -0.30 12.65
N ALA A 26 18.61 0.75 11.95
CA ALA A 26 20.00 1.16 11.97
C ALA A 26 20.18 2.44 12.82
N VAL A 27 21.04 2.38 13.83
CA VAL A 27 21.32 3.53 14.69
C VAL A 27 22.77 3.99 14.45
N ASN A 28 22.97 5.26 14.06
CA ASN A 28 24.33 5.78 13.85
C ASN A 28 25.02 5.87 15.23
N ARG A 29 26.22 5.27 15.36
CA ARG A 29 26.95 5.25 16.65
C ARG A 29 27.29 6.65 17.16
N VAL A 30 27.60 7.55 16.24
CA VAL A 30 27.95 8.92 16.57
C VAL A 30 26.73 9.86 16.76
N THR A 31 25.90 10.07 15.71
CA THR A 31 24.81 11.05 15.73
C THR A 31 23.50 10.58 16.37
N GLU A 32 23.33 9.26 16.55
CA GLU A 32 22.12 8.63 17.12
C GLU A 32 20.91 8.66 16.16
N GLU A 33 21.09 9.12 14.92
CA GLU A 33 20.00 9.14 13.94
C GLU A 33 19.53 7.70 13.65
N ALA A 34 18.22 7.44 13.78
CA ALA A 34 17.69 6.11 13.52
C ALA A 34 17.04 6.02 12.14
N VAL A 35 17.46 5.05 11.33
CA VAL A 35 16.89 4.83 10.00
C VAL A 35 16.49 3.33 9.85
N ALA A 36 15.80 2.98 8.75
CA ALA A 36 15.48 1.59 8.47
C ALA A 36 16.41 1.16 7.31
N VAL A 37 16.91 -0.09 7.35
CA VAL A 37 17.80 -0.60 6.30
C VAL A 37 17.30 -1.92 5.82
N LYS A 38 17.10 -2.03 4.52
CA LYS A 38 16.68 -3.27 3.87
C LYS A 38 17.98 -4.00 3.53
N ILE A 39 18.15 -5.22 4.04
CA ILE A 39 19.36 -5.99 3.77
C ILE A 39 19.02 -7.10 2.77
N VAL A 40 19.56 -7.00 1.54
CA VAL A 40 19.27 -7.95 0.49
C VAL A 40 20.46 -8.81 0.11
N ASP A 41 20.29 -10.14 0.14
CA ASP A 41 21.35 -11.06 -0.25
C ASP A 41 21.36 -11.24 -1.79
N MET A 42 22.55 -11.43 -2.36
CA MET A 42 22.77 -11.61 -3.80
C MET A 42 22.36 -10.38 -4.58
N PRO A 49 19.91 -9.12 -8.40
CA PRO A 49 20.72 -7.95 -8.74
C PRO A 49 20.02 -7.04 -9.75
N GLU A 50 19.33 -7.63 -10.72
CA GLU A 50 18.59 -6.86 -11.72
C GLU A 50 17.33 -6.23 -11.10
N ASN A 51 16.69 -6.96 -10.16
CA ASN A 51 15.51 -6.49 -9.48
C ASN A 51 15.87 -5.32 -8.56
N ILE A 52 16.95 -5.45 -7.76
CA ILE A 52 17.35 -4.37 -6.87
C ILE A 52 17.80 -3.14 -7.64
N LYS A 53 18.35 -3.32 -8.86
CA LYS A 53 18.77 -2.22 -9.74
C LYS A 53 17.55 -1.36 -10.08
N LYS A 54 16.45 -2.03 -10.48
CA LYS A 54 15.19 -1.38 -10.81
C LYS A 54 14.56 -0.72 -9.58
N GLU A 55 14.67 -1.38 -8.42
CA GLU A 55 14.14 -0.87 -7.17
C GLU A 55 14.82 0.41 -6.74
N ILE A 56 16.17 0.45 -6.79
CA ILE A 56 16.98 1.63 -6.44
C ILE A 56 16.66 2.79 -7.39
N CYS A 57 16.42 2.49 -8.67
CA CYS A 57 16.07 3.53 -9.63
C CYS A 57 14.74 4.18 -9.25
N ILE A 58 13.72 3.35 -8.94
CA ILE A 58 12.38 3.83 -8.53
C ILE A 58 12.46 4.60 -7.21
N LEU A 59 13.23 4.07 -6.24
CA LEU A 59 13.42 4.69 -4.92
C LEU A 59 14.02 6.09 -5.00
N LYS A 60 15.02 6.31 -5.87
CA LYS A 60 15.64 7.62 -6.02
C LYS A 60 14.70 8.67 -6.63
N MET A 61 13.62 8.25 -7.33
CA MET A 61 12.65 9.21 -7.87
C MET A 61 11.70 9.76 -6.79
N LEU A 62 11.56 9.08 -5.65
CA LEU A 62 10.54 9.42 -4.65
C LEU A 62 10.81 10.61 -3.74
N ASN A 63 9.89 11.57 -3.74
CA ASN A 63 9.95 12.74 -2.89
C ASN A 63 8.53 13.23 -2.56
N HIS A 64 7.91 12.69 -1.52
CA HIS A 64 6.58 13.10 -1.09
C HIS A 64 6.39 12.71 0.39
N GLU A 65 5.62 13.52 1.12
CA GLU A 65 5.35 13.34 2.54
C GLU A 65 4.67 12.02 2.90
N ASN A 66 3.85 11.45 1.99
CA ASN A 66 3.18 10.17 2.26
C ASN A 66 3.87 8.97 1.58
N VAL A 67 5.16 9.10 1.30
CA VAL A 67 5.99 8.07 0.68
C VAL A 67 7.27 7.95 1.53
N ILE A 68 7.74 6.71 1.82
CA ILE A 68 8.96 6.50 2.61
C ILE A 68 10.15 7.07 1.85
N LYS A 69 10.93 7.95 2.49
CA LYS A 69 12.11 8.57 1.86
C LYS A 69 13.27 7.59 1.64
N PHE A 70 13.98 7.72 0.51
CA PHE A 70 15.16 6.92 0.22
C PHE A 70 16.38 7.77 0.55
N TYR A 71 17.28 7.24 1.37
CA TYR A 71 18.47 7.98 1.79
C TYR A 71 19.70 7.61 0.99
N GLY A 72 19.80 6.36 0.58
CA GLY A 72 20.94 5.88 -0.19
C GLY A 72 21.18 4.39 -0.02
N HIS A 73 22.12 3.85 -0.77
CA HIS A 73 22.44 2.43 -0.70
C HIS A 73 23.94 2.14 -0.61
N ARG A 74 24.31 0.96 -0.09
CA ARG A 74 25.70 0.54 0.01
C ARG A 74 25.79 -0.95 -0.35
N ARG A 75 26.80 -1.35 -1.11
CA ARG A 75 26.99 -2.75 -1.45
C ARG A 75 28.24 -3.25 -0.72
N GLU A 76 28.11 -4.33 0.05
CA GLU A 76 29.23 -4.91 0.78
C GLU A 76 29.34 -6.37 0.39
N GLY A 77 30.07 -6.62 -0.70
CA GLY A 77 30.22 -7.96 -1.22
C GLY A 77 28.99 -8.31 -2.03
N ASN A 78 28.22 -9.30 -1.56
CA ASN A 78 26.96 -9.66 -2.23
C ASN A 78 25.72 -9.16 -1.45
N ILE A 79 25.91 -8.29 -0.44
CA ILE A 79 24.81 -7.77 0.35
C ILE A 79 24.54 -6.31 0.02
N GLN A 80 23.29 -5.98 -0.35
CA GLN A 80 22.87 -4.61 -0.60
C GLN A 80 22.16 -4.07 0.63
N TYR A 81 22.44 -2.84 0.98
CA TYR A 81 21.82 -2.19 2.13
C TYR A 81 21.04 -0.99 1.61
N LEU A 82 19.72 -0.96 1.80
CA LEU A 82 18.91 0.14 1.30
C LEU A 82 18.43 0.98 2.47
N PHE A 83 19.00 2.16 2.65
CA PHE A 83 18.66 3.03 3.76
C PHE A 83 17.44 3.87 3.42
N MET A 84 16.44 3.81 4.31
CA MET A 84 15.16 4.49 4.16
C MET A 84 14.75 5.21 5.44
N GLU A 85 13.73 6.07 5.32
CA GLU A 85 13.15 6.76 6.45
C GLU A 85 12.55 5.73 7.43
N LEU A 86 12.80 5.90 8.73
CA LEU A 86 12.25 5.03 9.74
C LEU A 86 10.91 5.63 10.15
N ALA A 87 9.86 4.84 10.17
CA ALA A 87 8.54 5.32 10.57
C ALA A 87 8.34 4.80 11.99
N SER A 88 8.52 5.67 13.01
CA SER A 88 8.47 5.25 14.40
C SER A 88 7.10 4.77 14.94
N GLY A 89 6.00 5.02 14.22
CA GLY A 89 4.67 4.56 14.62
C GLY A 89 4.32 3.14 14.19
N GLY A 90 5.20 2.51 13.39
CA GLY A 90 4.97 1.15 12.92
C GLY A 90 4.00 1.09 11.76
N SER A 91 3.32 -0.03 11.59
CA SER A 91 2.40 -0.22 10.48
C SER A 91 0.95 0.09 10.78
N LEU A 92 0.19 0.39 9.73
CA LEU A 92 -1.27 0.54 9.76
C LEU A 92 -1.90 -0.81 10.18
N PHE A 93 -1.24 -1.96 9.88
CA PHE A 93 -1.75 -3.29 10.26
C PHE A 93 -1.98 -3.38 11.76
N ASP A 94 -1.04 -2.84 12.56
CA ASP A 94 -1.14 -2.94 14.01
C ASP A 94 -2.07 -1.92 14.65
N ARG A 95 -2.71 -1.05 13.86
CA ARG A 95 -3.71 -0.11 14.35
C ARG A 95 -5.15 -0.60 14.07
N ILE A 96 -5.31 -1.73 13.36
CA ILE A 96 -6.59 -2.33 13.00
C ILE A 96 -6.91 -3.43 14.00
N GLU A 97 -7.96 -3.21 14.79
CA GLU A 97 -8.40 -4.18 15.77
C GLU A 97 -9.16 -5.26 15.03
N PRO A 98 -8.76 -6.55 15.14
CA PRO A 98 -9.48 -7.61 14.42
C PRO A 98 -10.97 -7.64 14.74
N ASP A 99 -11.82 -7.76 13.69
CA ASP A 99 -13.29 -7.77 13.76
C ASP A 99 -13.91 -6.42 14.18
N ILE A 100 -13.08 -5.39 14.46
CA ILE A 100 -13.61 -4.08 14.85
C ILE A 100 -13.20 -2.99 13.84
N GLY A 101 -11.91 -2.91 13.57
CA GLY A 101 -11.33 -1.92 12.69
C GLY A 101 -10.69 -0.83 13.50
N MET A 102 -11.16 0.40 13.32
CA MET A 102 -10.66 1.58 14.04
C MET A 102 -11.74 2.68 13.92
N PRO A 103 -11.61 3.77 14.71
CA PRO A 103 -12.59 4.85 14.60
C PRO A 103 -12.59 5.42 13.19
N GLU A 104 -13.78 5.60 12.64
CA GLU A 104 -14.02 6.11 11.30
C GLU A 104 -13.27 7.42 11.01
N PRO A 105 -13.13 8.38 11.97
CA PRO A 105 -12.35 9.59 11.66
C PRO A 105 -10.88 9.26 11.38
N ASP A 106 -10.29 8.29 12.10
CA ASP A 106 -8.89 7.88 11.89
C ASP A 106 -8.77 7.15 10.56
N ALA A 107 -9.75 6.28 10.23
CA ALA A 107 -9.76 5.61 8.94
C ALA A 107 -9.83 6.61 7.79
N GLN A 108 -10.64 7.66 7.95
CA GLN A 108 -10.78 8.68 6.91
C GLN A 108 -9.49 9.47 6.74
N ARG A 109 -8.84 9.84 7.85
CA ARG A 109 -7.58 10.57 7.76
C ARG A 109 -6.51 9.71 7.09
N PHE A 110 -6.40 8.42 7.46
CA PHE A 110 -5.46 7.50 6.83
C PHE A 110 -5.77 7.33 5.34
N PHE A 111 -7.06 7.27 4.97
CA PHE A 111 -7.49 7.15 3.59
C PHE A 111 -7.11 8.39 2.75
N HIS A 112 -7.23 9.63 3.30
CA HIS A 112 -6.83 10.86 2.57
C HIS A 112 -5.33 10.83 2.30
N GLN A 113 -4.53 10.42 3.30
CA GLN A 113 -3.08 10.36 3.17
C GLN A 113 -2.64 9.29 2.19
N LEU A 114 -3.37 8.15 2.15
CA LEU A 114 -3.13 7.07 1.20
C LEU A 114 -3.41 7.58 -0.19
N MET A 115 -4.54 8.31 -0.37
CA MET A 115 -4.87 8.90 -1.67
C MET A 115 -3.78 9.86 -2.13
N ALA A 116 -3.27 10.69 -1.21
CA ALA A 116 -2.19 11.63 -1.53
C ALA A 116 -0.90 10.94 -2.00
N GLY A 117 -0.56 9.82 -1.38
CA GLY A 117 0.62 9.06 -1.78
C GLY A 117 0.42 8.39 -3.12
N VAL A 118 -0.78 7.82 -3.34
CA VAL A 118 -1.11 7.12 -4.58
C VAL A 118 -1.19 8.12 -5.75
N VAL A 119 -1.78 9.31 -5.56
CA VAL A 119 -1.84 10.36 -6.62
C VAL A 119 -0.41 10.77 -7.00
N TYR A 120 0.45 10.93 -6.00
CA TYR A 120 1.85 11.26 -6.23
C TYR A 120 2.54 10.17 -7.08
N LEU A 121 2.48 8.89 -6.63
CA LEU A 121 3.10 7.77 -7.33
C LEU A 121 2.60 7.67 -8.76
N HIS A 122 1.27 7.74 -8.95
CA HIS A 122 0.66 7.68 -10.28
C HIS A 122 1.06 8.88 -11.16
N GLY A 123 1.22 10.05 -10.54
CA GLY A 123 1.63 11.27 -11.21
C GLY A 123 3.03 11.16 -11.78
N ILE A 124 3.91 10.44 -11.10
CA ILE A 124 5.28 10.22 -11.60
C ILE A 124 5.40 8.89 -12.40
N GLY A 125 4.27 8.28 -12.76
CA GLY A 125 4.23 7.03 -13.54
C GLY A 125 4.66 5.76 -12.83
N ILE A 126 4.53 5.69 -11.48
CA ILE A 126 4.91 4.51 -10.69
C ILE A 126 3.68 3.85 -10.08
N THR A 127 3.58 2.50 -10.17
CA THR A 127 2.51 1.77 -9.50
C THR A 127 3.19 0.94 -8.40
N HIS A 128 2.66 0.95 -7.19
CA HIS A 128 3.24 0.23 -6.06
C HIS A 128 3.02 -1.28 -6.23
N ARG A 129 1.79 -1.67 -6.65
CA ARG A 129 1.35 -3.05 -6.96
C ARG A 129 1.17 -4.00 -5.78
N ASP A 130 1.29 -3.52 -4.54
CA ASP A 130 1.07 -4.36 -3.36
C ASP A 130 0.58 -3.55 -2.17
N ILE A 131 -0.37 -2.65 -2.39
CA ILE A 131 -0.90 -1.82 -1.32
C ILE A 131 -1.72 -2.67 -0.37
N LYS A 132 -1.33 -2.65 0.91
CA LYS A 132 -1.98 -3.36 2.03
C LYS A 132 -1.47 -2.74 3.33
N PRO A 133 -2.15 -2.95 4.47
CA PRO A 133 -1.76 -2.29 5.72
C PRO A 133 -0.33 -2.56 6.22
N HIS A 134 0.26 -3.71 5.88
CA HIS A 134 1.65 -4.05 6.21
C HIS A 134 2.65 -3.12 5.48
N ASN A 135 2.21 -2.54 4.36
CA ASN A 135 3.06 -1.64 3.57
C ASN A 135 2.73 -0.15 3.84
N LEU A 136 1.81 0.15 4.76
CA LEU A 136 1.45 1.52 5.09
C LEU A 136 1.98 1.82 6.45
N LEU A 137 3.07 2.58 6.53
CA LEU A 137 3.72 2.86 7.81
C LEU A 137 3.31 4.22 8.37
N LEU A 138 3.54 4.44 9.67
CA LEU A 138 3.12 5.66 10.32
C LEU A 138 4.30 6.36 10.96
N ASP A 139 4.45 7.67 10.75
CA ASP A 139 5.56 8.40 11.40
C ASP A 139 5.17 8.74 12.88
N GLU A 140 5.96 9.58 13.57
CA GLU A 140 5.68 9.93 14.96
C GLU A 140 4.39 10.74 15.14
N ARG A 141 3.94 11.44 14.09
CA ARG A 141 2.68 12.21 14.17
C ARG A 141 1.51 11.44 13.49
N ASP A 142 1.61 10.10 13.37
CA ASP A 142 0.60 9.27 12.73
C ASP A 142 0.34 9.61 11.26
N ASN A 143 1.37 10.05 10.52
CA ASN A 143 1.22 10.36 9.10
C ASN A 143 1.57 9.08 8.35
N LEU A 144 0.68 8.66 7.43
CA LEU A 144 0.81 7.47 6.62
C LEU A 144 1.90 7.66 5.57
N LYS A 145 2.72 6.62 5.36
CA LYS A 145 3.84 6.55 4.41
C LYS A 145 3.73 5.23 3.64
N ILE A 146 3.70 5.28 2.30
CA ILE A 146 3.68 4.06 1.50
C ILE A 146 5.12 3.55 1.46
N ALA A 147 5.33 2.32 1.91
CA ALA A 147 6.64 1.70 2.00
C ALA A 147 6.75 0.47 1.06
N ASP A 148 8.00 -0.04 0.86
CA ASP A 148 8.36 -1.23 0.11
C ASP A 148 8.07 -1.17 -1.37
N TYR A 149 9.12 -0.88 -2.15
CA TYR A 149 8.98 -0.75 -3.58
C TYR A 149 9.60 -1.92 -4.35
N SER A 150 9.73 -3.08 -3.71
CA SER A 150 10.27 -4.28 -4.36
C SER A 150 9.35 -4.80 -5.46
N LEU A 151 8.05 -4.49 -5.43
CA LEU A 151 7.15 -4.91 -6.53
C LEU A 151 6.74 -3.74 -7.43
N ALA A 152 7.13 -2.51 -7.10
CA ALA A 152 6.74 -1.34 -7.85
C ALA A 152 7.31 -1.33 -9.27
N THR A 153 6.58 -0.72 -10.22
CA THR A 153 7.05 -0.64 -11.60
C THR A 153 6.60 0.64 -12.27
N VAL A 154 7.23 0.97 -13.41
CA VAL A 154 6.89 2.12 -14.20
C VAL A 154 5.73 1.71 -15.10
N PHE A 155 4.62 2.45 -15.06
CA PHE A 155 3.47 2.17 -15.94
C PHE A 155 3.29 3.32 -16.96
N ARG A 156 4.00 4.46 -16.79
CA ARG A 156 3.94 5.62 -17.70
C ARG A 156 5.34 6.21 -17.81
N TYR A 157 5.81 6.37 -19.05
CA TYR A 157 7.14 6.88 -19.37
C TYR A 157 7.00 7.67 -20.65
N ASN A 158 7.53 8.90 -20.68
CA ASN A 158 7.43 9.80 -21.81
C ASN A 158 5.96 10.08 -22.17
N ASN A 159 5.09 10.17 -21.12
CA ASN A 159 3.65 10.42 -21.27
C ASN A 159 2.94 9.30 -22.05
N ARG A 160 3.52 8.11 -22.05
CA ARG A 160 2.95 6.97 -22.74
C ARG A 160 2.66 5.86 -21.73
N GLU A 161 1.40 5.42 -21.67
CA GLU A 161 1.03 4.36 -20.75
C GLU A 161 1.40 3.01 -21.29
N ARG A 162 1.85 2.13 -20.39
CA ARG A 162 2.17 0.74 -20.64
C ARG A 162 1.19 -0.11 -19.81
N LEU A 163 0.50 -1.05 -20.46
CA LEU A 163 -0.37 -1.96 -19.74
C LEU A 163 0.50 -3.00 -19.05
N LEU A 164 0.09 -3.46 -17.88
CA LEU A 164 0.85 -4.46 -17.13
C LEU A 164 0.34 -5.87 -17.47
N ASN A 165 1.15 -6.90 -17.20
CA ASN A 165 0.70 -8.27 -17.44
C ASN A 165 1.18 -9.28 -16.35
N LYS A 166 2.16 -8.89 -15.56
CA LYS A 166 2.75 -9.70 -14.51
C LYS A 166 1.81 -9.78 -13.31
N MET A 167 1.68 -11.00 -12.78
CA MET A 167 0.87 -11.29 -11.61
C MET A 167 1.68 -10.93 -10.43
N CYS A 168 1.16 -10.06 -9.60
CA CYS A 168 1.81 -9.72 -8.36
C CYS A 168 0.89 -9.01 -7.39
N GLY A 169 1.27 -9.02 -6.14
CA GLY A 169 0.48 -8.43 -5.08
C GLY A 169 0.17 -9.49 -4.03
N THR A 170 -0.97 -9.31 -3.32
CA THR A 170 -1.46 -10.19 -2.24
C THR A 170 -2.91 -10.45 -2.54
N LEU A 171 -3.27 -11.70 -2.75
CA LEU A 171 -4.59 -12.15 -3.20
C LEU A 171 -5.79 -11.42 -2.58
N PRO A 172 -5.94 -11.30 -1.25
CA PRO A 172 -7.14 -10.61 -0.72
C PRO A 172 -7.26 -9.13 -1.12
N TYR A 173 -6.13 -8.52 -1.51
CA TYR A 173 -5.99 -7.15 -1.95
C TYR A 173 -5.96 -6.95 -3.49
N VAL A 174 -5.68 -8.01 -4.30
CA VAL A 174 -5.62 -7.86 -5.76
C VAL A 174 -6.98 -7.59 -6.40
N ALA A 175 -6.96 -6.84 -7.52
CA ALA A 175 -8.15 -6.53 -8.29
C ALA A 175 -8.50 -7.75 -9.17
N PRO A 176 -9.80 -7.97 -9.49
CA PRO A 176 -10.19 -9.14 -10.29
C PRO A 176 -9.62 -9.22 -11.72
N GLU A 177 -9.29 -8.08 -12.35
CA GLU A 177 -8.73 -8.10 -13.71
C GLU A 177 -7.33 -8.74 -13.76
N LEU A 178 -6.57 -8.73 -12.63
CA LEU A 178 -5.26 -9.39 -12.59
C LEU A 178 -5.36 -10.89 -12.83
N LEU A 179 -6.48 -11.50 -12.43
CA LEU A 179 -6.74 -12.93 -12.57
C LEU A 179 -7.49 -13.27 -13.88
N LYS A 180 -8.23 -12.31 -14.46
CA LYS A 180 -9.06 -12.55 -15.65
C LYS A 180 -8.56 -11.92 -16.96
N ARG A 181 -7.54 -11.06 -16.89
CA ARG A 181 -7.05 -10.39 -18.10
C ARG A 181 -5.59 -10.56 -18.35
N ARG A 182 -5.21 -10.71 -19.63
CA ARG A 182 -3.83 -10.87 -20.09
C ARG A 182 -3.05 -9.59 -19.78
N GLU A 183 -3.68 -8.45 -20.06
CA GLU A 183 -3.10 -7.14 -19.84
C GLU A 183 -4.11 -6.27 -19.15
N PHE A 184 -3.63 -5.34 -18.32
CA PHE A 184 -4.53 -4.47 -17.57
C PHE A 184 -3.88 -3.12 -17.21
N HIS A 185 -4.70 -2.08 -16.98
CA HIS A 185 -4.24 -0.74 -16.57
C HIS A 185 -3.75 -0.76 -15.10
N ALA A 186 -2.62 -0.09 -14.83
CA ALA A 186 -2.02 -0.07 -13.49
C ALA A 186 -2.80 0.70 -12.43
N GLU A 187 -3.34 1.88 -12.79
CA GLU A 187 -4.05 2.70 -11.82
C GLU A 187 -5.29 2.04 -11.21
N PRO A 188 -6.26 1.47 -11.96
CA PRO A 188 -7.42 0.85 -11.30
C PRO A 188 -7.05 -0.26 -10.31
N VAL A 189 -5.89 -0.90 -10.49
CA VAL A 189 -5.41 -1.94 -9.61
C VAL A 189 -5.06 -1.37 -8.23
N ASP A 190 -4.33 -0.24 -8.20
CA ASP A 190 -3.98 0.41 -6.93
C ASP A 190 -5.24 0.95 -6.20
N VAL A 191 -6.18 1.52 -6.96
CA VAL A 191 -7.45 2.02 -6.42
C VAL A 191 -8.25 0.88 -5.78
N TRP A 192 -8.29 -0.29 -6.42
CA TRP A 192 -9.00 -1.45 -5.87
C TRP A 192 -8.39 -1.87 -4.54
N SER A 193 -7.04 -2.03 -4.46
CA SER A 193 -6.40 -2.39 -3.19
C SER A 193 -6.61 -1.33 -2.08
N CYS A 194 -6.76 -0.04 -2.46
CA CYS A 194 -7.03 1.01 -1.48
C CYS A 194 -8.44 0.82 -0.87
N GLY A 195 -9.41 0.33 -1.66
CA GLY A 195 -10.75 -0.03 -1.22
C GLY A 195 -10.71 -1.18 -0.24
N ILE A 196 -9.91 -2.22 -0.52
CA ILE A 196 -9.74 -3.34 0.44
C ILE A 196 -9.10 -2.80 1.75
N VAL A 197 -8.10 -1.87 1.66
CA VAL A 197 -7.48 -1.26 2.86
C VAL A 197 -8.56 -0.50 3.65
N LEU A 198 -9.42 0.26 2.96
CA LEU A 198 -10.52 0.98 3.60
C LEU A 198 -11.50 0.01 4.29
N THR A 199 -11.85 -1.11 3.64
CA THR A 199 -12.73 -2.14 4.24
C THR A 199 -12.09 -2.67 5.53
N ALA A 200 -10.76 -2.94 5.49
CA ALA A 200 -10.00 -3.46 6.62
C ALA A 200 -9.97 -2.46 7.77
N MET A 201 -9.79 -1.16 7.48
CA MET A 201 -9.78 -0.16 8.55
C MET A 201 -11.15 0.01 9.17
N LEU A 202 -12.23 -0.17 8.39
CA LEU A 202 -13.59 0.04 8.89
C LEU A 202 -14.27 -1.17 9.49
N ALA A 203 -13.77 -2.37 9.19
CA ALA A 203 -14.39 -3.59 9.71
C ALA A 203 -13.42 -4.56 10.38
N GLY A 204 -12.11 -4.35 10.24
CA GLY A 204 -11.09 -5.21 10.80
C GLY A 204 -11.14 -6.63 10.27
N GLU A 205 -11.61 -6.78 9.04
CA GLU A 205 -11.85 -8.07 8.43
C GLU A 205 -11.77 -7.90 6.91
N LEU A 206 -11.12 -8.85 6.24
CA LEU A 206 -11.01 -8.85 4.77
C LEU A 206 -12.23 -9.60 4.20
N PRO A 207 -12.85 -9.09 3.14
CA PRO A 207 -14.07 -9.71 2.65
C PRO A 207 -13.92 -11.07 1.96
N TRP A 208 -12.77 -11.36 1.32
CA TRP A 208 -12.58 -12.61 0.59
C TRP A 208 -11.11 -12.96 0.47
N ASP A 209 -10.84 -14.26 0.19
CA ASP A 209 -9.50 -14.78 -0.07
C ASP A 209 -8.95 -14.18 -1.38
N GLN A 210 -9.82 -14.01 -2.38
CA GLN A 210 -9.46 -13.48 -3.69
C GLN A 210 -10.74 -13.16 -4.46
N PRO A 211 -10.73 -12.15 -5.35
CA PRO A 211 -11.95 -11.81 -6.09
C PRO A 211 -12.10 -12.68 -7.34
N SER A 212 -12.23 -14.00 -7.16
CA SER A 212 -12.35 -14.91 -8.28
C SER A 212 -13.76 -15.46 -8.46
N ASP A 213 -14.05 -15.99 -9.66
CA ASP A 213 -15.34 -16.55 -10.03
C ASP A 213 -15.82 -17.63 -9.05
N SER A 214 -14.89 -18.41 -8.48
CA SER A 214 -15.22 -19.48 -7.53
C SER A 214 -15.21 -19.06 -6.07
N CYS A 215 -15.22 -17.75 -5.77
CA CYS A 215 -15.21 -17.31 -4.37
C CYS A 215 -16.61 -16.82 -4.03
N GLN A 216 -17.27 -17.50 -3.08
CA GLN A 216 -18.64 -17.17 -2.73
C GLN A 216 -18.79 -15.78 -2.10
N GLU A 217 -17.83 -15.35 -1.26
CA GLU A 217 -17.90 -14.01 -0.65
C GLU A 217 -17.80 -12.91 -1.68
N TYR A 218 -17.02 -13.15 -2.76
CA TYR A 218 -16.92 -12.17 -3.83
C TYR A 218 -18.26 -12.12 -4.58
N SER A 219 -18.82 -13.30 -4.93
CA SER A 219 -20.12 -13.38 -5.64
C SER A 219 -21.22 -12.68 -4.82
N ASP A 220 -21.20 -12.85 -3.49
CA ASP A 220 -22.12 -12.25 -2.53
C ASP A 220 -22.04 -10.70 -2.61
N TRP A 221 -20.82 -10.15 -2.73
CA TRP A 221 -20.61 -8.71 -2.91
C TRP A 221 -21.14 -8.26 -4.26
N LYS A 222 -20.85 -9.02 -5.33
CA LYS A 222 -21.35 -8.67 -6.67
C LYS A 222 -22.89 -8.68 -6.72
N GLU A 223 -23.53 -9.54 -5.91
CA GLU A 223 -24.98 -9.63 -5.79
C GLU A 223 -25.58 -8.63 -4.79
N LYS A 224 -24.74 -7.77 -4.17
CA LYS A 224 -25.12 -6.72 -3.23
C LYS A 224 -25.68 -7.25 -1.90
N LYS A 225 -25.14 -8.35 -1.40
CA LYS A 225 -25.58 -8.91 -0.12
C LYS A 225 -24.84 -8.23 1.03
N THR A 226 -25.09 -6.94 1.22
CA THR A 226 -24.39 -6.16 2.25
C THR A 226 -24.96 -6.38 3.68
N TYR A 227 -25.90 -7.34 3.85
CA TYR A 227 -26.37 -7.77 5.16
C TYR A 227 -25.33 -8.78 5.77
N LEU A 228 -24.29 -9.20 4.98
CA LEU A 228 -23.21 -10.09 5.41
C LEU A 228 -21.97 -9.30 5.92
N ASN A 229 -21.09 -9.97 6.65
CA ASN A 229 -19.83 -9.41 7.11
C ASN A 229 -18.87 -9.40 5.91
N PRO A 230 -17.97 -8.42 5.84
CA PRO A 230 -17.75 -7.33 6.80
C PRO A 230 -18.62 -6.11 6.54
N TRP A 231 -19.44 -6.12 5.49
CA TRP A 231 -20.18 -4.94 5.05
C TRP A 231 -21.18 -4.43 6.05
N LYS A 232 -21.80 -5.34 6.83
CA LYS A 232 -22.79 -4.93 7.81
C LYS A 232 -22.21 -4.14 8.99
N LYS A 233 -20.87 -4.11 9.16
CA LYS A 233 -20.23 -3.32 10.22
C LYS A 233 -19.87 -1.89 9.75
N ILE A 234 -20.04 -1.59 8.45
CA ILE A 234 -19.63 -0.32 7.85
C ILE A 234 -20.82 0.56 7.61
N ASP A 235 -20.74 1.82 7.98
CA ASP A 235 -21.81 2.79 7.81
C ASP A 235 -22.18 2.98 6.33
N SER A 236 -23.43 3.36 6.06
CA SER A 236 -23.93 3.57 4.69
C SER A 236 -23.07 4.57 3.86
N ALA A 237 -22.53 5.63 4.49
CA ALA A 237 -21.70 6.61 3.76
C ALA A 237 -20.37 6.03 3.23
N PRO A 238 -19.43 5.45 4.04
CA PRO A 238 -18.21 4.86 3.41
C PRO A 238 -18.54 3.60 2.58
N LEU A 239 -19.66 2.88 2.92
CA LEU A 239 -20.09 1.71 2.15
C LEU A 239 -20.45 2.14 0.72
N ALA A 240 -21.10 3.33 0.56
CA ALA A 240 -21.43 3.88 -0.76
C ALA A 240 -20.17 4.10 -1.60
N LEU A 241 -19.05 4.57 -0.98
CA LEU A 241 -17.76 4.75 -1.66
C LEU A 241 -17.14 3.38 -1.99
N LEU A 242 -17.26 2.39 -1.07
CA LEU A 242 -16.77 1.04 -1.34
C LEU A 242 -17.51 0.40 -2.52
N HIS A 243 -18.80 0.73 -2.70
CA HIS A 243 -19.59 0.26 -3.84
C HIS A 243 -19.05 0.81 -5.17
N LYS A 244 -18.41 1.99 -5.17
CA LYS A 244 -17.83 2.55 -6.42
C LYS A 244 -16.37 2.12 -6.64
N ILE A 245 -15.65 1.80 -5.57
CA ILE A 245 -14.25 1.36 -5.68
C ILE A 245 -14.19 -0.14 -6.06
N LEU A 246 -14.95 -0.99 -5.35
CA LEU A 246 -14.86 -2.43 -5.58
C LEU A 246 -15.79 -2.93 -6.69
N VAL A 247 -15.65 -2.32 -7.87
CA VAL A 247 -16.40 -2.60 -9.09
C VAL A 247 -15.52 -3.48 -9.97
N GLU A 248 -16.09 -4.62 -10.41
CA GLU A 248 -15.39 -5.63 -11.19
C GLU A 248 -14.75 -5.13 -12.48
N ASN A 249 -15.47 -4.37 -13.30
CA ASN A 249 -14.92 -3.84 -14.53
C ASN A 249 -13.98 -2.69 -14.19
N PRO A 250 -12.67 -2.82 -14.47
CA PRO A 250 -11.72 -1.74 -14.16
C PRO A 250 -12.04 -0.41 -14.84
N SER A 251 -12.76 -0.44 -15.97
CA SER A 251 -13.12 0.81 -16.66
C SER A 251 -14.36 1.48 -16.08
N ALA A 252 -15.19 0.74 -15.37
CA ALA A 252 -16.36 1.31 -14.68
C ALA A 252 -15.95 1.82 -13.27
N ARG A 253 -14.85 1.29 -12.69
CA ARG A 253 -14.38 1.62 -11.35
C ARG A 253 -14.06 3.09 -11.20
N ILE A 254 -14.36 3.67 -10.04
CA ILE A 254 -14.11 5.06 -9.74
C ILE A 254 -12.61 5.37 -9.81
N THR A 255 -12.25 6.54 -10.35
CA THR A 255 -10.85 7.00 -10.42
C THR A 255 -10.60 7.88 -9.18
N ILE A 256 -9.32 8.21 -8.87
CA ILE A 256 -9.01 9.03 -7.72
C ILE A 256 -9.58 10.44 -7.83
N PRO A 257 -9.56 11.16 -9.00
CA PRO A 257 -10.26 12.47 -9.04
C PRO A 257 -11.72 12.41 -8.56
N ASP A 258 -12.44 11.31 -8.87
CA ASP A 258 -13.84 11.19 -8.44
C ASP A 258 -13.98 10.71 -7.00
N ILE A 259 -12.98 9.99 -6.45
CA ILE A 259 -12.97 9.61 -5.03
C ILE A 259 -12.89 10.89 -4.19
N LYS A 260 -12.16 11.92 -4.66
CA LYS A 260 -12.04 13.20 -3.97
C LYS A 260 -13.31 14.05 -3.98
N LYS A 261 -14.33 13.67 -4.78
CA LYS A 261 -15.67 14.28 -4.87
C LYS A 261 -16.75 13.44 -4.13
N ASP A 262 -16.37 12.27 -3.53
CA ASP A 262 -17.29 11.37 -2.84
C ASP A 262 -17.81 11.98 -1.54
N ARG A 263 -19.09 11.74 -1.24
CA ARG A 263 -19.72 12.28 -0.03
C ARG A 263 -18.95 11.91 1.26
N TRP A 264 -18.70 10.61 1.50
CA TRP A 264 -17.94 10.20 2.69
C TRP A 264 -16.52 10.78 2.72
N TYR A 265 -15.78 10.77 1.59
CA TYR A 265 -14.43 11.32 1.54
C TYR A 265 -14.35 12.75 2.07
N ASN A 266 -15.37 13.56 1.79
CA ASN A 266 -15.49 14.94 2.22
C ASN A 266 -16.37 15.14 3.45
N LYS A 267 -16.71 14.08 4.17
CA LYS A 267 -17.59 14.20 5.34
C LYS A 267 -16.83 14.51 6.60
N PRO A 268 -17.14 15.64 7.25
CA PRO A 268 -16.47 15.98 8.51
C PRO A 268 -16.80 14.95 9.61
N LEU A 269 -15.76 14.45 10.27
CA LEU A 269 -15.87 13.42 11.30
C LEU A 269 -14.90 13.75 12.44
N LYS A 270 -15.27 13.39 13.66
CA LYS A 270 -14.41 13.64 14.83
C LYS A 270 -14.66 12.58 15.91
N LYS A 271 -13.57 12.18 16.63
CA LYS A 271 -13.47 11.17 17.70
C LYS A 271 -12.91 9.83 17.19
N1 ZXH B . 10.02 1.87 9.53
C4 ZXH B . 9.50 0.84 10.20
C5 ZXH B . 9.30 -0.42 9.63
C6 ZXH B . 9.65 -0.61 8.27
C7 ZXH B . 10.20 0.49 7.57
C8 ZXH B . 10.36 1.70 8.26
C10 ZXH B . 10.17 -0.85 5.56
C13 ZXH B . 9.11 -3.17 5.52
C15 ZXH B . 7.22 -4.19 4.19
C17 ZXH B . 9.13 -4.44 6.41
C20 ZXH B . 5.12 -8.53 4.99
C21 ZXH B . 6.24 -7.69 5.58
C22 ZXH B . 7.33 -7.18 3.31
CL ZXH B . 10.48 -0.98 3.86
C9 ZXH B . 10.47 0.32 6.19
N ZXH B . 9.22 1.12 11.54
C3 ZXH B . 8.95 0.23 12.54
O ZXH B . 8.93 -0.98 12.39
C2 ZXH B . 8.72 0.85 13.89
C1 ZXH B . 9.17 0.06 15.09
C ZXH B . 7.73 0.19 14.80
C11 ZXH B . 9.61 -1.94 6.25
C12 ZXH B . 9.40 -1.81 7.59
C16 ZXH B . 8.59 -5.67 5.66
N2 ZXH B . 7.22 -5.39 5.10
C14 ZXH B . 7.70 -2.96 4.95
C18 ZXH B . 6.53 -6.62 4.49
O2 ZXH B . 5.78 -7.10 6.81
O1 ZXH B . 4.44 -7.67 4.07
C19 ZXH B . 5.09 -6.40 4.04
#